data_4OLI
#
_entry.id   4OLI
#
_cell.length_a   111.015
_cell.length_b   111.015
_cell.length_c   123.955
_cell.angle_alpha   90.00
_cell.angle_beta   90.00
_cell.angle_gamma   90.00
#
_symmetry.space_group_name_H-M   'I 4'
#
loop_
_entity.id
_entity.type
_entity.pdbx_description
1 polymer 'Non-receptor tyrosine-protein kinase TYK2'
2 non-polymer 2-chloro-N-{2-[(cyclopropylcarbonyl)amino]pyridin-4-yl}benzamide
3 water water
#
_entity_poly.entity_id   1
_entity_poly.type   'polypeptide(L)'
_entity_poly.pdbx_seq_one_letter_code
;MSYYHHHHHHDYDIPTTENLYFQGARASPRTLNLSQLSFHRVDQKEITQLSHLGQGTRTNVYEGRLRVEGSGDPEEGKMD
DEDPLVPGRDRGQELRVVLKVLDPSHHDIALAFYETASLMSQVSHTHLAFVHGVCVRGPENIMVTEYVEHGPLDVWLRRE
RGHVPMAWKMVVAQQLASALSYLENKNLVHGNVCGRNILLARLGLAEGTSPFIKLSDPGVGLGALSREERVERIPWLAPE
CLPGGANSLSTAMDKWGFGATLLEICFDGEAPLQSRSPSEKEHFYQRQHRLPEPSCPQLATLTSQCLTYEPTQRPSFRTI
LRDLTRLQPHNLADVLTVNPDSPASDPTVFHKRYLKKIRDLGEGHFGKVSLYCYDPTNDGTGEMVAVKALKADCGPQHRS
GWKQEIDILRTLYHEHIIKYKGCCEDQGEKSLQLVMEYVPLGSLRDYLPRHSIGLAQLLLFAQQICEGMAYLHSQHYIHR
NLAARNVLLDNDRLVKIGDFGLAKAVPEGHEYYRVREDGDSPVFWYAPECLKEYKFYYASDVWSFGVTLYELLTHCDSSQ
SPPTKFLELIGIAQGQMTVLRLTELLERGERLPRPDKCPCEVYHLMKNCWETEASFRPTFENLIPILKTVHEKYQGQAPS
VFSVC
;
_entity_poly.pdbx_strand_id   A
#
loop_
_chem_comp.id
_chem_comp.type
_chem_comp.name
_chem_comp.formula
2TT non-polymer 2-chloro-N-{2-[(cyclopropylcarbonyl)amino]pyridin-4-yl}benzamide 'C16 H14 Cl N3 O2'
#
# COMPACT_ATOMS: atom_id res chain seq x y z
N LEU A 37 6.41 -11.63 -0.51
CA LEU A 37 5.30 -11.54 -1.47
C LEU A 37 3.95 -11.47 -0.72
N SER A 38 3.17 -10.39 -0.98
CA SER A 38 1.91 -10.11 -0.30
C SER A 38 0.73 -9.62 -1.15
N PHE A 39 -0.41 -10.29 -0.95
CA PHE A 39 -1.73 -10.11 -1.56
C PHE A 39 -2.75 -10.79 -0.62
N HIS A 40 -4.02 -10.36 -0.69
CA HIS A 40 -5.14 -10.87 0.10
C HIS A 40 -5.62 -12.21 -0.46
N ARG A 41 -6.09 -13.10 0.42
CA ARG A 41 -6.58 -14.43 0.06
C ARG A 41 -8.08 -14.40 -0.28
N VAL A 42 -8.41 -14.79 -1.53
CA VAL A 42 -9.79 -14.83 -2.05
C VAL A 42 -10.21 -16.30 -2.21
N ASP A 43 -11.39 -16.65 -1.65
CA ASP A 43 -11.95 -17.99 -1.74
C ASP A 43 -12.72 -18.20 -3.03
N GLN A 44 -12.66 -19.41 -3.57
CA GLN A 44 -13.35 -19.88 -4.77
C GLN A 44 -14.88 -19.64 -4.75
N LYS A 45 -15.49 -19.67 -3.56
CA LYS A 45 -16.92 -19.49 -3.31
C LYS A 45 -17.35 -18.03 -3.43
N GLU A 46 -16.43 -17.10 -3.11
CA GLU A 46 -16.62 -15.65 -3.14
C GLU A 46 -16.73 -15.10 -4.56
N ILE A 47 -16.08 -15.76 -5.51
CA ILE A 47 -16.10 -15.37 -6.90
C ILE A 47 -17.16 -16.10 -7.73
N THR A 48 -17.57 -15.46 -8.83
CA THR A 48 -18.51 -15.91 -9.86
C THR A 48 -17.88 -15.37 -11.17
N GLN A 49 -17.88 -16.18 -12.24
CA GLN A 49 -17.25 -15.84 -13.52
C GLN A 49 -18.30 -15.58 -14.56
N LEU A 50 -18.14 -14.46 -15.30
CA LEU A 50 -19.11 -14.05 -16.31
C LEU A 50 -18.53 -13.99 -17.72
N SER A 51 -18.99 -13.04 -18.56
CA SER A 51 -18.59 -12.92 -19.96
C SER A 51 -17.09 -12.86 -20.11
N HIS A 52 -16.57 -13.50 -21.16
CA HIS A 52 -15.15 -13.51 -21.52
C HIS A 52 -14.93 -12.16 -22.19
N LEU A 53 -14.01 -11.37 -21.64
CA LEU A 53 -13.75 -10.04 -22.20
C LEU A 53 -12.63 -10.09 -23.27
N GLY A 54 -11.67 -11.01 -23.11
CA GLY A 54 -10.59 -11.16 -24.06
C GLY A 54 -9.43 -11.93 -23.45
N GLN A 55 -8.27 -11.85 -24.11
CA GLN A 55 -7.07 -12.55 -23.70
C GLN A 55 -5.86 -11.63 -23.62
N GLY A 56 -5.00 -11.94 -22.65
CA GLY A 56 -3.70 -11.30 -22.41
C GLY A 56 -2.66 -12.40 -22.58
N THR A 57 -1.36 -12.09 -22.35
CA THR A 57 -0.33 -13.14 -22.48
C THR A 57 -0.51 -14.17 -21.39
N ARG A 58 -0.83 -15.42 -21.82
CA ARG A 58 -1.06 -16.59 -20.96
C ARG A 58 -2.28 -16.45 -20.04
N THR A 59 -3.19 -15.50 -20.35
CA THR A 59 -4.40 -15.20 -19.57
C THR A 59 -5.68 -15.05 -20.38
N ASN A 60 -6.84 -15.24 -19.70
CA ASN A 60 -8.20 -15.10 -20.23
C ASN A 60 -8.99 -14.27 -19.26
N VAL A 61 -9.28 -13.00 -19.63
CA VAL A 61 -9.96 -12.01 -18.77
C VAL A 61 -11.47 -12.16 -18.87
N TYR A 62 -12.11 -12.20 -17.69
CA TYR A 62 -13.56 -12.36 -17.58
C TYR A 62 -14.17 -11.30 -16.70
N GLU A 63 -15.40 -10.94 -16.99
CA GLU A 63 -16.15 -10.11 -16.06
C GLU A 63 -16.49 -11.10 -14.91
N GLY A 64 -16.67 -10.59 -13.71
CA GLY A 64 -17.05 -11.45 -12.59
C GLY A 64 -17.76 -10.70 -11.51
N ARG A 65 -17.98 -11.39 -10.38
CA ARG A 65 -18.56 -10.81 -9.17
C ARG A 65 -17.82 -11.29 -7.93
N LEU A 66 -17.59 -10.38 -6.97
CA LEU A 66 -16.92 -10.68 -5.70
C LEU A 66 -17.91 -10.53 -4.56
N ARG A 67 -18.13 -11.63 -3.83
CA ARG A 67 -19.08 -11.71 -2.71
C ARG A 67 -18.49 -11.28 -1.37
N VAL A 68 -17.89 -10.09 -1.34
CA VAL A 68 -17.29 -9.51 -0.13
C VAL A 68 -17.90 -8.12 0.18
N GLU A 94 -22.29 -9.43 -5.60
CA GLU A 94 -22.14 -8.27 -4.69
C GLU A 94 -21.28 -7.16 -5.30
N LEU A 95 -20.07 -7.48 -5.77
CA LEU A 95 -19.18 -6.48 -6.35
C LEU A 95 -18.76 -6.87 -7.75
N ARG A 96 -18.86 -5.92 -8.71
CA ARG A 96 -18.44 -6.08 -10.11
C ARG A 96 -16.91 -6.03 -10.11
N VAL A 97 -16.29 -7.08 -10.66
CA VAL A 97 -14.83 -7.20 -10.72
C VAL A 97 -14.48 -7.79 -12.08
N VAL A 98 -13.20 -8.05 -12.32
CA VAL A 98 -12.71 -8.77 -13.50
C VAL A 98 -11.87 -9.88 -12.95
N LEU A 99 -11.87 -11.02 -13.62
CA LEU A 99 -11.07 -12.16 -13.23
C LEU A 99 -10.06 -12.46 -14.33
N LYS A 100 -8.76 -12.27 -14.03
CA LYS A 100 -7.70 -12.60 -14.98
C LYS A 100 -7.35 -14.04 -14.63
N VAL A 101 -7.69 -14.98 -15.51
CA VAL A 101 -7.40 -16.39 -15.20
C VAL A 101 -6.10 -16.84 -15.89
N LEU A 102 -5.19 -17.45 -15.14
CA LEU A 102 -3.92 -17.88 -15.72
C LEU A 102 -4.00 -19.34 -16.07
N ASP A 103 -3.69 -19.65 -17.33
CA ASP A 103 -3.68 -21.00 -17.90
C ASP A 103 -2.75 -21.88 -17.04
N PRO A 104 -3.03 -23.20 -16.82
CA PRO A 104 -2.09 -24.03 -16.02
C PRO A 104 -0.73 -23.89 -16.69
N SER A 105 0.22 -23.25 -15.99
CA SER A 105 1.52 -22.89 -16.57
C SER A 105 2.78 -23.27 -15.73
N HIS A 106 3.97 -22.93 -16.29
CA HIS A 106 5.29 -23.12 -15.70
C HIS A 106 5.36 -22.39 -14.36
N HIS A 107 6.05 -22.95 -13.36
CA HIS A 107 6.23 -22.36 -12.03
C HIS A 107 6.81 -20.94 -12.16
N ASP A 108 7.89 -20.80 -12.94
CA ASP A 108 8.60 -19.54 -13.17
C ASP A 108 7.68 -18.43 -13.60
N ILE A 109 6.62 -18.79 -14.37
CA ILE A 109 5.59 -17.87 -14.88
C ILE A 109 4.38 -17.73 -13.93
N ALA A 110 4.02 -18.81 -13.18
CA ALA A 110 2.93 -18.78 -12.19
C ALA A 110 3.36 -17.86 -11.04
N LEU A 111 4.67 -17.85 -10.73
CA LEU A 111 5.26 -16.98 -9.71
C LEU A 111 5.28 -15.52 -10.19
N ALA A 112 5.68 -15.26 -11.46
CA ALA A 112 5.71 -13.93 -12.09
C ALA A 112 4.31 -13.26 -12.24
N PHE A 113 3.26 -14.09 -12.14
CA PHE A 113 1.85 -13.69 -12.15
C PHE A 113 1.49 -13.21 -10.75
N TYR A 114 1.88 -14.02 -9.73
CA TYR A 114 1.73 -13.77 -8.30
C TYR A 114 2.63 -12.60 -7.83
N GLU A 115 3.78 -12.38 -8.51
CA GLU A 115 4.70 -11.28 -8.24
C GLU A 115 4.03 -9.96 -8.62
N THR A 116 3.18 -10.00 -9.66
CA THR A 116 2.43 -8.87 -10.21
C THR A 116 1.34 -8.45 -9.25
N ALA A 117 0.53 -9.45 -8.81
CA ALA A 117 -0.54 -9.31 -7.83
C ALA A 117 0.05 -8.66 -6.56
N SER A 118 1.31 -9.02 -6.21
CA SER A 118 2.03 -8.47 -5.07
C SER A 118 2.34 -6.99 -5.26
N LEU A 119 2.96 -6.61 -6.39
CA LEU A 119 3.28 -5.22 -6.78
C LEU A 119 2.00 -4.37 -6.64
N MET A 120 0.89 -4.90 -7.12
CA MET A 120 -0.41 -4.23 -7.18
C MET A 120 -1.21 -4.20 -5.90
N SER A 121 -1.04 -5.21 -5.02
CA SER A 121 -1.72 -5.25 -3.72
C SER A 121 -1.07 -4.28 -2.71
N GLN A 122 0.21 -3.93 -2.94
CA GLN A 122 0.98 -3.05 -2.06
C GLN A 122 1.09 -1.63 -2.53
N VAL A 123 0.30 -1.25 -3.55
CA VAL A 123 0.25 0.12 -4.07
C VAL A 123 -1.15 0.71 -3.89
N SER A 124 -1.21 2.04 -3.79
CA SER A 124 -2.44 2.81 -3.68
C SER A 124 -2.30 4.15 -4.35
N HIS A 125 -2.84 4.22 -5.55
CA HIS A 125 -2.86 5.44 -6.33
C HIS A 125 -4.18 5.52 -7.06
N THR A 126 -4.68 6.75 -7.20
CA THR A 126 -5.95 7.10 -7.85
C THR A 126 -6.01 6.63 -9.31
N HIS A 127 -4.85 6.54 -9.95
CA HIS A 127 -4.76 6.14 -11.35
C HIS A 127 -4.21 4.76 -11.56
N LEU A 128 -4.17 3.94 -10.46
CA LEU A 128 -3.78 2.52 -10.53
C LEU A 128 -5.00 1.70 -10.18
N ALA A 129 -5.34 0.72 -11.04
CA ALA A 129 -6.48 -0.17 -10.84
C ALA A 129 -6.27 -1.12 -9.66
N PHE A 130 -7.28 -1.15 -8.77
CA PHE A 130 -7.32 -1.92 -7.53
C PHE A 130 -7.32 -3.43 -7.73
N VAL A 131 -6.46 -4.13 -6.97
CA VAL A 131 -6.34 -5.59 -6.94
C VAL A 131 -6.94 -6.08 -5.63
N HIS A 132 -8.04 -6.84 -5.71
CA HIS A 132 -8.71 -7.35 -4.52
C HIS A 132 -7.92 -8.42 -3.79
N GLY A 133 -7.28 -9.30 -4.57
CA GLY A 133 -6.46 -10.40 -4.08
C GLY A 133 -6.28 -11.47 -5.15
N VAL A 134 -5.83 -12.67 -4.73
CA VAL A 134 -5.65 -13.81 -5.63
C VAL A 134 -6.47 -14.97 -5.11
N CYS A 135 -7.11 -15.68 -6.03
CA CYS A 135 -7.97 -16.83 -5.73
C CYS A 135 -7.50 -18.07 -6.51
N VAL A 136 -7.67 -19.25 -5.90
CA VAL A 136 -7.32 -20.51 -6.57
C VAL A 136 -8.58 -21.39 -6.73
N ARG A 137 -9.05 -21.47 -7.98
CA ARG A 137 -10.19 -22.24 -8.46
C ARG A 137 -9.56 -23.43 -9.19
N GLY A 138 -9.34 -24.52 -8.44
CA GLY A 138 -8.74 -25.76 -8.90
C GLY A 138 -7.36 -25.60 -9.52
N PRO A 139 -7.17 -26.05 -10.78
CA PRO A 139 -5.85 -25.94 -11.43
C PRO A 139 -5.40 -24.55 -11.89
N GLU A 140 -6.27 -23.53 -11.80
CA GLU A 140 -5.95 -22.21 -12.30
C GLU A 140 -5.79 -21.12 -11.26
N ASN A 141 -4.81 -20.24 -11.50
CA ASN A 141 -4.54 -19.09 -10.64
C ASN A 141 -5.30 -17.89 -11.18
N ILE A 142 -6.20 -17.33 -10.36
CA ILE A 142 -7.03 -16.20 -10.77
C ILE A 142 -6.79 -14.93 -9.92
N MET A 143 -6.68 -13.74 -10.56
CA MET A 143 -6.58 -12.51 -9.80
C MET A 143 -7.80 -11.61 -9.96
N VAL A 144 -8.37 -11.19 -8.84
CA VAL A 144 -9.54 -10.28 -8.75
C VAL A 144 -9.11 -8.81 -8.81
N THR A 145 -9.43 -8.20 -9.93
CA THR A 145 -9.10 -6.83 -10.24
C THR A 145 -10.38 -5.99 -10.33
N GLU A 146 -10.19 -4.68 -10.25
CA GLU A 146 -11.19 -3.65 -10.42
C GLU A 146 -11.72 -3.69 -11.88
N TYR A 147 -13.05 -3.73 -12.02
CA TYR A 147 -13.74 -3.70 -13.33
C TYR A 147 -13.91 -2.21 -13.67
N VAL A 148 -13.42 -1.79 -14.86
CA VAL A 148 -13.49 -0.40 -15.31
C VAL A 148 -14.44 -0.31 -16.49
N GLU A 149 -15.43 0.57 -16.38
CA GLU A 149 -16.58 0.77 -17.25
C GLU A 149 -16.33 0.68 -18.76
N HIS A 150 -15.38 1.47 -19.27
CA HIS A 150 -15.10 1.57 -20.70
C HIS A 150 -13.97 0.72 -21.22
N GLY A 151 -13.31 0.03 -20.29
CA GLY A 151 -12.29 -0.97 -20.57
C GLY A 151 -11.03 -0.49 -21.25
N PRO A 152 -10.29 -1.43 -21.92
CA PRO A 152 -9.01 -1.05 -22.57
C PRO A 152 -9.06 0.20 -23.46
N LEU A 153 -8.17 1.13 -23.17
CA LEU A 153 -8.06 2.41 -23.88
C LEU A 153 -7.79 2.33 -25.37
N ASP A 154 -6.86 1.47 -25.84
CA ASP A 154 -6.57 1.34 -27.29
C ASP A 154 -7.83 0.91 -28.03
N VAL A 155 -8.59 -0.09 -27.49
CA VAL A 155 -9.84 -0.55 -28.09
C VAL A 155 -10.80 0.65 -28.22
N TRP A 156 -10.99 1.37 -27.14
CA TRP A 156 -11.82 2.55 -27.11
C TRP A 156 -11.37 3.58 -28.16
N LEU A 157 -10.04 3.86 -28.25
CA LEU A 157 -9.54 4.85 -29.21
C LEU A 157 -9.76 4.44 -30.62
N ARG A 158 -9.62 3.13 -30.92
CA ARG A 158 -9.86 2.62 -32.27
C ARG A 158 -11.29 2.82 -32.69
N ARG A 159 -12.24 2.65 -31.77
CA ARG A 159 -13.67 2.88 -32.04
C ARG A 159 -14.04 4.36 -32.08
N GLU A 160 -13.35 5.18 -31.27
CA GLU A 160 -13.57 6.63 -31.25
C GLU A 160 -12.62 7.39 -32.15
N ARG A 161 -12.24 6.74 -33.27
CA ARG A 161 -11.32 7.31 -34.26
C ARG A 161 -12.03 8.46 -34.96
N GLY A 162 -11.50 9.66 -34.74
CA GLY A 162 -11.98 10.93 -35.29
C GLY A 162 -12.96 11.73 -34.43
N HIS A 163 -13.06 11.39 -33.16
CA HIS A 163 -13.94 12.09 -32.23
C HIS A 163 -13.22 12.38 -30.91
N VAL A 164 -11.84 12.37 -30.88
CA VAL A 164 -11.03 12.53 -29.66
C VAL A 164 -10.01 13.69 -29.75
N PRO A 165 -10.20 14.82 -29.02
CA PRO A 165 -9.26 15.93 -29.15
C PRO A 165 -7.93 15.68 -28.47
N MET A 166 -6.88 16.34 -28.94
CA MET A 166 -5.55 16.22 -28.35
C MET A 166 -5.51 16.75 -26.91
N ALA A 167 -6.45 17.64 -26.56
CA ALA A 167 -6.65 18.18 -25.23
C ALA A 167 -6.98 17.01 -24.34
N TRP A 168 -7.93 16.15 -24.80
CA TRP A 168 -8.38 14.95 -24.08
C TRP A 168 -7.21 13.98 -23.87
N LYS A 169 -6.36 13.77 -24.89
CA LYS A 169 -5.20 12.88 -24.80
C LYS A 169 -4.17 13.37 -23.82
N MET A 170 -4.03 14.70 -23.68
CA MET A 170 -3.10 15.30 -22.74
C MET A 170 -3.47 14.98 -21.29
N VAL A 171 -4.78 15.03 -20.95
CA VAL A 171 -5.29 14.67 -19.61
C VAL A 171 -4.90 13.22 -19.30
N VAL A 172 -5.16 12.31 -20.23
CA VAL A 172 -4.80 10.91 -20.10
C VAL A 172 -3.27 10.75 -19.86
N ALA A 173 -2.47 11.31 -20.78
CA ALA A 173 -1.01 11.34 -20.68
C ALA A 173 -0.58 11.80 -19.26
N GLN A 174 -1.15 12.93 -18.75
CA GLN A 174 -0.87 13.50 -17.41
C GLN A 174 -1.15 12.48 -16.30
N GLN A 175 -2.35 11.84 -16.30
CA GLN A 175 -2.84 10.82 -15.35
C GLN A 175 -1.95 9.57 -15.32
N LEU A 176 -1.55 9.09 -16.50
CA LEU A 176 -0.71 7.92 -16.65
C LEU A 176 0.65 8.24 -16.08
N ALA A 177 1.22 9.42 -16.44
CA ALA A 177 2.53 9.88 -15.96
C ALA A 177 2.55 10.02 -14.45
N SER A 178 1.42 10.43 -13.85
CA SER A 178 1.23 10.60 -12.41
C SER A 178 1.27 9.22 -11.72
N ALA A 179 0.64 8.19 -12.33
CA ALA A 179 0.65 6.84 -11.78
C ALA A 179 2.05 6.25 -11.84
N LEU A 180 2.84 6.63 -12.84
CA LEU A 180 4.21 6.14 -13.03
C LEU A 180 5.21 6.97 -12.25
N SER A 181 4.92 8.26 -12.03
CA SER A 181 5.76 9.12 -11.19
C SER A 181 5.75 8.53 -9.80
N TYR A 182 4.55 8.09 -9.32
CA TYR A 182 4.26 7.39 -8.07
C TYR A 182 5.13 6.11 -7.96
N LEU A 183 5.06 5.21 -9.00
CA LEU A 183 5.85 3.98 -9.03
C LEU A 183 7.37 4.22 -8.98
N GLU A 184 7.82 5.28 -9.68
CA GLU A 184 9.20 5.74 -9.73
C GLU A 184 9.72 6.13 -8.32
N ASN A 185 8.91 6.87 -7.52
CA ASN A 185 9.29 7.30 -6.16
C ASN A 185 9.41 6.09 -5.24
N LYS A 186 8.61 5.05 -5.49
CA LYS A 186 8.56 3.81 -4.73
C LYS A 186 9.55 2.78 -5.27
N ASN A 187 10.36 3.13 -6.32
CA ASN A 187 11.34 2.28 -7.00
C ASN A 187 10.72 0.94 -7.46
N LEU A 188 9.50 1.03 -8.02
CA LEU A 188 8.74 -0.10 -8.52
C LEU A 188 8.57 0.01 -9.99
N VAL A 189 8.62 -1.16 -10.66
CA VAL A 189 8.50 -1.28 -12.12
C VAL A 189 7.24 -2.05 -12.58
N HIS A 190 6.44 -1.41 -13.45
CA HIS A 190 5.23 -1.95 -14.07
C HIS A 190 5.67 -3.00 -15.12
N GLY A 191 6.34 -2.53 -16.18
CA GLY A 191 6.87 -3.41 -17.22
C GLY A 191 5.99 -3.69 -18.42
N ASN A 192 4.71 -3.31 -18.35
CA ASN A 192 3.80 -3.57 -19.46
C ASN A 192 2.85 -2.42 -19.61
N VAL A 193 3.40 -1.23 -19.91
CA VAL A 193 2.66 0.01 -20.10
C VAL A 193 2.33 0.07 -21.56
N CYS A 194 1.05 -0.18 -21.87
CA CYS A 194 0.47 -0.15 -23.23
C CYS A 194 -0.97 0.28 -23.01
N GLY A 195 -1.60 0.82 -24.07
CA GLY A 195 -2.99 1.26 -24.03
C GLY A 195 -3.98 0.17 -23.61
N ARG A 196 -3.66 -1.11 -23.86
CA ARG A 196 -4.54 -2.20 -23.44
C ARG A 196 -4.57 -2.29 -21.92
N ASN A 197 -3.46 -1.99 -21.25
CA ASN A 197 -3.37 -2.06 -19.79
C ASN A 197 -3.79 -0.77 -19.10
N ILE A 198 -4.46 0.13 -19.85
CA ILE A 198 -5.01 1.41 -19.39
C ILE A 198 -6.50 1.33 -19.56
N LEU A 199 -7.22 1.50 -18.48
CA LEU A 199 -8.68 1.37 -18.52
C LEU A 199 -9.39 2.70 -18.35
N LEU A 200 -10.44 2.91 -19.15
CA LEU A 200 -11.21 4.16 -19.18
C LEU A 200 -12.41 4.16 -18.23
N ALA A 201 -12.30 4.85 -17.10
CA ALA A 201 -13.39 4.90 -16.12
C ALA A 201 -14.51 5.91 -16.49
N ARG A 202 -14.10 7.18 -16.79
CA ARG A 202 -14.95 8.31 -17.14
C ARG A 202 -14.53 8.81 -18.48
N LEU A 203 -15.49 8.95 -19.38
CA LEU A 203 -15.27 9.34 -20.78
C LEU A 203 -14.64 10.70 -21.01
N GLY A 204 -15.17 11.71 -20.34
CA GLY A 204 -14.68 13.07 -20.41
C GLY A 204 -14.91 13.75 -21.73
N LEU A 205 -15.95 13.32 -22.47
CA LEU A 205 -16.28 13.92 -23.76
C LEU A 205 -17.38 14.97 -23.62
N ALA A 206 -18.26 14.78 -22.63
CA ALA A 206 -19.35 15.70 -22.35
C ALA A 206 -18.80 17.07 -21.90
N GLU A 207 -19.51 18.15 -22.21
CA GLU A 207 -19.13 19.50 -21.84
C GLU A 207 -19.00 19.60 -20.33
N GLY A 208 -17.89 20.20 -19.87
CA GLY A 208 -17.59 20.42 -18.46
C GLY A 208 -16.85 19.29 -17.76
N THR A 209 -16.68 18.14 -18.48
CA THR A 209 -16.07 16.93 -17.97
C THR A 209 -14.68 16.67 -18.56
N SER A 210 -13.95 15.68 -18.00
CA SER A 210 -12.60 15.27 -18.44
C SER A 210 -12.33 13.75 -18.26
N PRO A 211 -11.49 13.10 -19.08
CA PRO A 211 -11.30 11.64 -18.92
C PRO A 211 -10.69 11.21 -17.61
N PHE A 212 -10.90 9.92 -17.24
CA PHE A 212 -10.29 9.35 -16.02
C PHE A 212 -9.92 7.96 -16.32
N ILE A 213 -8.63 7.67 -16.17
CA ILE A 213 -8.06 6.37 -16.47
C ILE A 213 -7.42 5.75 -15.24
N LYS A 214 -7.30 4.43 -15.29
CA LYS A 214 -6.67 3.61 -14.29
C LYS A 214 -5.75 2.67 -15.02
N LEU A 215 -4.48 2.73 -14.69
CA LEU A 215 -3.49 1.85 -15.26
C LEU A 215 -3.61 0.50 -14.50
N SER A 216 -3.99 -0.55 -15.28
CA SER A 216 -4.24 -1.93 -14.86
C SER A 216 -2.98 -2.70 -14.57
N ASP A 217 -3.13 -3.90 -14.04
CA ASP A 217 -2.04 -4.82 -13.72
C ASP A 217 -1.26 -5.25 -15.00
N PRO A 218 0.07 -5.48 -14.89
CA PRO A 218 0.84 -5.84 -16.09
C PRO A 218 0.75 -7.31 -16.52
N GLY A 219 -0.03 -8.12 -15.80
CA GLY A 219 -0.19 -9.55 -16.08
C GLY A 219 1.03 -10.36 -15.68
N VAL A 220 1.45 -11.36 -16.52
CA VAL A 220 2.66 -12.15 -16.22
C VAL A 220 3.83 -11.17 -16.37
N GLY A 221 4.83 -11.33 -15.50
CA GLY A 221 6.02 -10.47 -15.40
C GLY A 221 6.49 -9.84 -16.69
N LEU A 222 7.42 -10.55 -17.37
CA LEU A 222 8.14 -10.30 -18.64
C LEU A 222 9.54 -10.87 -18.48
N GLY A 223 10.11 -11.39 -19.56
CA GLY A 223 11.40 -12.07 -19.45
C GLY A 223 11.16 -13.46 -18.92
N ALA A 224 10.05 -13.63 -18.12
CA ALA A 224 9.48 -14.87 -17.61
C ALA A 224 8.74 -15.44 -18.81
N LEU A 225 8.41 -14.54 -19.73
CA LEU A 225 7.76 -14.81 -21.00
C LEU A 225 8.81 -15.24 -22.02
N SER A 226 8.36 -15.82 -23.14
CA SER A 226 9.25 -16.24 -24.20
C SER A 226 9.83 -15.01 -24.92
N ARG A 227 10.95 -15.21 -25.63
CA ARG A 227 11.63 -14.16 -26.40
C ARG A 227 10.75 -13.78 -27.58
N GLU A 228 10.23 -14.76 -28.34
CA GLU A 228 9.35 -14.49 -29.48
C GLU A 228 7.99 -13.85 -29.10
N GLU A 229 7.72 -13.73 -27.78
CA GLU A 229 6.56 -13.05 -27.19
C GLU A 229 7.01 -11.63 -26.88
N ARG A 230 8.29 -11.46 -26.43
CA ARG A 230 8.89 -10.15 -26.16
C ARG A 230 8.99 -9.37 -27.47
N VAL A 231 9.30 -10.08 -28.57
CA VAL A 231 9.36 -9.50 -29.92
C VAL A 231 7.95 -9.01 -30.34
N GLU A 232 6.89 -9.73 -29.94
CA GLU A 232 5.51 -9.38 -30.24
C GLU A 232 5.04 -8.14 -29.49
N ARG A 233 5.69 -7.82 -28.35
CA ARG A 233 5.37 -6.64 -27.56
C ARG A 233 6.16 -5.39 -28.06
N ILE A 234 7.02 -5.54 -29.12
CA ILE A 234 7.70 -4.38 -29.73
C ILE A 234 6.59 -3.56 -30.43
N PRO A 235 6.49 -2.22 -30.29
CA PRO A 235 7.45 -1.26 -29.71
C PRO A 235 7.23 -0.81 -28.29
N TRP A 236 6.34 -1.48 -27.55
CA TRP A 236 6.07 -1.15 -26.16
C TRP A 236 7.25 -1.61 -25.31
N LEU A 237 7.87 -2.73 -25.72
CA LEU A 237 9.05 -3.35 -25.09
C LEU A 237 10.25 -2.42 -25.21
N ALA A 238 10.96 -2.22 -24.08
CA ALA A 238 12.16 -1.40 -24.06
C ALA A 238 13.25 -2.22 -24.78
N PRO A 239 14.13 -1.60 -25.61
CA PRO A 239 15.09 -2.40 -26.40
C PRO A 239 16.06 -3.25 -25.57
N GLU A 240 16.43 -2.74 -24.38
CA GLU A 240 17.31 -3.42 -23.44
C GLU A 240 16.68 -4.72 -22.91
N CYS A 241 15.35 -4.81 -22.94
CA CYS A 241 14.58 -5.93 -22.41
C CYS A 241 14.42 -7.05 -23.39
N LEU A 242 14.92 -6.85 -24.62
CA LEU A 242 14.85 -7.86 -25.68
C LEU A 242 15.70 -9.06 -25.30
N PRO A 243 17.04 -8.95 -25.03
CA PRO A 243 17.77 -10.14 -24.53
C PRO A 243 17.31 -10.44 -23.10
N GLY A 244 16.61 -11.57 -22.96
CA GLY A 244 16.07 -12.04 -21.69
C GLY A 244 17.09 -12.77 -20.86
N LEU A 249 16.25 -5.46 -13.85
CA LEU A 249 15.11 -4.68 -14.36
C LEU A 249 15.27 -3.16 -14.15
N SER A 250 15.52 -2.42 -15.25
CA SER A 250 15.67 -0.96 -15.26
C SER A 250 14.30 -0.28 -15.08
N THR A 251 14.20 0.70 -14.16
CA THR A 251 12.97 1.50 -13.95
C THR A 251 12.76 2.39 -15.18
N ALA A 252 13.83 2.45 -16.03
CA ALA A 252 13.94 3.16 -17.30
C ALA A 252 13.12 2.47 -18.42
N MET A 253 12.65 1.23 -18.19
CA MET A 253 11.85 0.50 -19.16
C MET A 253 10.43 1.07 -19.30
N ASP A 254 9.88 1.62 -18.19
CA ASP A 254 8.54 2.21 -18.18
C ASP A 254 8.52 3.57 -18.84
N LYS A 255 9.70 4.22 -19.00
CA LYS A 255 9.76 5.50 -19.72
C LYS A 255 9.81 5.24 -21.22
N TRP A 256 10.15 4.01 -21.64
CA TRP A 256 10.09 3.63 -23.04
C TRP A 256 8.62 3.28 -23.37
N GLY A 257 8.01 2.41 -22.56
CA GLY A 257 6.63 1.98 -22.69
C GLY A 257 5.65 3.14 -22.71
N PHE A 258 5.84 4.13 -21.79
CA PHE A 258 5.03 5.35 -21.72
C PHE A 258 5.06 6.09 -23.06
N GLY A 259 6.26 6.42 -23.55
CA GLY A 259 6.48 7.07 -24.82
C GLY A 259 5.88 6.31 -26.00
N ALA A 260 5.95 4.96 -25.98
CA ALA A 260 5.35 4.10 -27.04
C ALA A 260 3.83 4.18 -26.97
N THR A 261 3.25 4.23 -25.71
CA THR A 261 1.83 4.41 -25.38
C THR A 261 1.35 5.77 -25.83
N LEU A 262 2.14 6.84 -25.62
CA LEU A 262 1.77 8.16 -26.12
C LEU A 262 1.60 8.13 -27.64
N LEU A 263 2.45 7.37 -28.37
CA LEU A 263 2.32 7.23 -29.82
C LEU A 263 1.06 6.48 -30.13
N GLU A 264 0.77 5.40 -29.36
CA GLU A 264 -0.44 4.61 -29.55
C GLU A 264 -1.70 5.49 -29.36
N ILE A 265 -1.68 6.39 -28.37
CA ILE A 265 -2.78 7.29 -28.05
C ILE A 265 -2.95 8.31 -29.14
N CYS A 266 -1.87 8.96 -29.56
CA CYS A 266 -1.88 9.97 -30.63
C CYS A 266 -2.41 9.39 -31.93
N PHE A 267 -2.01 8.14 -32.24
CA PHE A 267 -2.40 7.42 -33.44
C PHE A 267 -3.69 6.67 -33.22
N ASP A 268 -4.55 7.16 -32.31
CA ASP A 268 -5.88 6.66 -31.94
C ASP A 268 -6.04 5.14 -31.84
N GLY A 269 -5.14 4.50 -31.11
CA GLY A 269 -5.21 3.06 -30.87
C GLY A 269 -4.37 2.23 -31.82
N GLU A 270 -4.07 2.78 -33.04
CA GLU A 270 -3.23 2.08 -34.02
C GLU A 270 -1.83 2.00 -33.46
N ALA A 271 -1.34 0.78 -33.31
CA ALA A 271 -0.02 0.48 -32.79
C ALA A 271 1.03 1.00 -33.77
N PRO A 272 2.05 1.76 -33.33
CA PRO A 272 3.13 2.13 -34.29
C PRO A 272 3.92 0.85 -34.61
N LEU A 273 4.33 0.63 -35.87
CA LEU A 273 5.02 -0.61 -36.31
C LEU A 273 4.06 -1.83 -36.31
N GLN A 274 2.78 -1.61 -36.69
CA GLN A 274 1.73 -2.64 -36.77
C GLN A 274 1.98 -3.58 -37.97
N SER A 275 2.18 -3.00 -39.17
CA SER A 275 2.41 -3.75 -40.40
C SER A 275 3.87 -4.20 -40.53
N ARG A 276 4.39 -4.83 -39.47
CA ARG A 276 5.76 -5.34 -39.45
C ARG A 276 5.75 -6.69 -38.74
N SER A 277 6.48 -7.67 -39.31
CA SER A 277 6.60 -9.04 -38.80
C SER A 277 7.48 -9.06 -37.52
N PRO A 278 7.44 -10.12 -36.66
CA PRO A 278 8.31 -10.12 -35.47
C PRO A 278 9.79 -9.98 -35.84
N SER A 279 10.20 -10.61 -36.95
CA SER A 279 11.56 -10.52 -37.47
C SER A 279 11.87 -9.08 -37.92
N GLU A 280 10.88 -8.43 -38.59
CA GLU A 280 10.98 -7.05 -39.08
C GLU A 280 11.09 -6.06 -37.92
N LYS A 281 10.39 -6.35 -36.80
CA LYS A 281 10.41 -5.57 -35.57
C LYS A 281 11.80 -5.59 -34.98
N GLU A 282 12.37 -6.81 -34.79
CA GLU A 282 13.71 -7.05 -34.24
C GLU A 282 14.77 -6.22 -34.96
N HIS A 283 14.73 -6.23 -36.31
CA HIS A 283 15.61 -5.49 -37.22
C HIS A 283 15.60 -3.99 -36.92
N PHE A 284 14.40 -3.41 -36.70
CA PHE A 284 14.16 -2.00 -36.35
C PHE A 284 14.92 -1.63 -35.07
N TYR A 285 14.91 -2.54 -34.07
CA TYR A 285 15.58 -2.32 -32.80
C TYR A 285 17.08 -2.52 -32.92
N GLN A 286 17.52 -3.57 -33.68
CA GLN A 286 18.93 -3.90 -33.96
C GLN A 286 19.57 -2.73 -34.69
N ARG A 287 18.96 -2.32 -35.82
CA ARG A 287 19.42 -1.17 -36.64
C ARG A 287 19.12 0.19 -35.97
N GLN A 288 18.45 0.15 -34.79
CA GLN A 288 18.12 1.31 -33.95
C GLN A 288 17.39 2.47 -34.63
N HIS A 289 16.50 2.19 -35.62
CA HIS A 289 15.76 3.25 -36.30
C HIS A 289 14.85 3.95 -35.31
N ARG A 290 14.80 5.29 -35.37
CA ARG A 290 13.97 6.09 -34.47
C ARG A 290 12.48 5.85 -34.68
N LEU A 291 11.71 5.74 -33.59
CA LEU A 291 10.26 5.52 -33.65
C LEU A 291 9.50 6.76 -34.20
N PRO A 292 8.32 6.57 -34.87
CA PRO A 292 7.63 7.74 -35.47
C PRO A 292 7.31 8.88 -34.53
N GLU A 293 7.39 10.12 -35.06
CA GLU A 293 7.08 11.36 -34.35
C GLU A 293 5.56 11.41 -34.26
N PRO A 294 4.98 11.81 -33.11
CA PRO A 294 3.51 11.85 -33.03
C PRO A 294 2.93 13.04 -33.79
N SER A 295 1.66 13.36 -33.49
CA SER A 295 0.90 14.48 -34.03
C SER A 295 1.71 15.80 -33.92
N CYS A 296 1.82 16.38 -32.68
CA CYS A 296 2.53 17.62 -32.30
C CYS A 296 2.20 17.82 -30.80
N PRO A 297 2.81 18.75 -30.00
CA PRO A 297 3.86 19.76 -30.30
C PRO A 297 5.24 19.39 -29.70
N GLN A 298 5.44 19.81 -28.42
CA GLN A 298 6.56 19.54 -27.50
C GLN A 298 6.32 18.11 -26.97
N LEU A 299 5.20 17.49 -27.40
CA LEU A 299 4.84 16.09 -27.14
C LEU A 299 5.81 15.22 -27.94
N ALA A 300 6.16 15.65 -29.16
CA ALA A 300 7.13 15.00 -30.05
C ALA A 300 8.51 15.02 -29.43
N THR A 301 8.81 16.06 -28.61
CA THR A 301 10.06 16.22 -27.89
C THR A 301 10.08 15.22 -26.75
N LEU A 302 9.02 15.24 -25.92
CA LEU A 302 8.76 14.35 -24.78
C LEU A 302 8.82 12.88 -25.21
N THR A 303 8.17 12.56 -26.34
CA THR A 303 8.08 11.23 -26.92
C THR A 303 9.46 10.73 -27.27
N SER A 304 10.24 11.60 -27.99
CA SER A 304 11.60 11.39 -28.50
C SER A 304 12.59 11.08 -27.38
N GLN A 305 12.57 11.87 -26.29
CA GLN A 305 13.43 11.68 -25.13
C GLN A 305 13.10 10.34 -24.46
N CYS A 306 11.79 10.03 -24.37
CA CYS A 306 11.27 8.78 -23.80
C CYS A 306 11.73 7.60 -24.60
N LEU A 307 11.64 7.76 -25.94
CA LEU A 307 12.01 6.76 -26.93
C LEU A 307 13.47 6.88 -27.42
N THR A 308 14.42 6.96 -26.44
CA THR A 308 15.86 6.95 -26.70
C THR A 308 16.34 5.54 -26.32
N TYR A 309 17.06 4.88 -27.24
CA TYR A 309 17.52 3.51 -27.05
C TYR A 309 18.40 3.38 -25.80
N GLU A 310 19.23 4.42 -25.50
CA GLU A 310 20.06 4.48 -24.31
C GLU A 310 19.17 4.83 -23.11
N PRO A 311 18.97 3.86 -22.19
CA PRO A 311 18.10 4.10 -21.03
C PRO A 311 18.47 5.27 -20.11
N THR A 312 19.76 5.50 -19.89
CA THR A 312 20.24 6.57 -19.00
C THR A 312 19.80 8.01 -19.40
N GLN A 313 19.50 8.22 -20.72
CA GLN A 313 19.09 9.51 -21.32
C GLN A 313 17.60 9.78 -21.22
N ARG A 314 16.79 8.73 -20.90
CA ARG A 314 15.32 8.82 -20.75
C ARG A 314 15.01 9.71 -19.55
N PRO A 315 14.09 10.68 -19.69
CA PRO A 315 13.84 11.60 -18.58
C PRO A 315 13.11 10.96 -17.41
N SER A 316 13.20 11.58 -16.23
CA SER A 316 12.49 11.05 -15.07
C SER A 316 10.98 11.38 -15.19
N PHE A 317 10.13 10.62 -14.48
CA PHE A 317 8.69 10.86 -14.46
C PHE A 317 8.35 12.19 -13.79
N ARG A 318 9.24 12.72 -12.90
CA ARG A 318 9.12 14.04 -12.30
C ARG A 318 9.33 15.04 -13.44
N THR A 319 10.32 14.81 -14.35
CA THR A 319 10.51 15.69 -15.51
C THR A 319 9.44 15.50 -16.59
N ILE A 320 8.94 14.26 -16.78
CA ILE A 320 7.87 13.99 -17.75
C ILE A 320 6.59 14.73 -17.29
N LEU A 321 6.20 14.54 -16.01
CA LEU A 321 5.03 15.16 -15.40
C LEU A 321 5.21 16.68 -15.26
N ARG A 322 6.48 17.18 -15.33
CA ARG A 322 6.83 18.60 -15.29
C ARG A 322 6.46 19.18 -16.65
N ASP A 323 6.98 18.56 -17.72
CA ASP A 323 6.72 18.92 -19.12
C ASP A 323 5.22 18.86 -19.42
N LEU A 324 4.53 17.81 -18.93
CA LEU A 324 3.10 17.63 -19.13
C LEU A 324 2.22 18.67 -18.43
N THR A 325 2.46 18.94 -17.12
CA THR A 325 1.72 19.93 -16.32
C THR A 325 1.84 21.34 -16.93
N ARG A 326 2.98 21.62 -17.59
CA ARG A 326 3.21 22.92 -18.24
C ARG A 326 2.49 23.03 -19.57
N LEU A 327 2.37 21.91 -20.32
CA LEU A 327 1.69 21.85 -21.62
C LEU A 327 0.16 22.14 -21.54
N GLN A 328 -0.40 22.22 -20.28
CA GLN A 328 -1.80 22.51 -19.96
C GLN A 328 -2.29 23.88 -20.54
N PRO A 329 -3.64 24.10 -20.72
CA PRO A 329 -4.14 25.34 -21.36
C PRO A 329 -3.50 26.68 -20.96
N PRO A 347 -14.66 19.15 2.15
CA PRO A 347 -13.21 18.87 2.08
C PRO A 347 -12.84 17.70 2.99
N THR A 348 -13.30 17.79 4.26
CA THR A 348 -13.13 16.86 5.38
C THR A 348 -14.53 16.20 5.72
N VAL A 349 -15.51 16.39 4.82
CA VAL A 349 -16.87 15.86 4.96
C VAL A 349 -17.09 14.74 3.95
N PHE A 350 -17.38 13.53 4.47
CA PHE A 350 -17.63 12.32 3.67
C PHE A 350 -19.08 11.90 3.86
N HIS A 351 -19.84 11.81 2.76
CA HIS A 351 -21.26 11.45 2.80
C HIS A 351 -21.45 9.96 2.69
N LYS A 352 -22.05 9.34 3.72
CA LYS A 352 -22.27 7.89 3.84
C LYS A 352 -22.74 7.22 2.55
N ARG A 353 -23.50 7.96 1.73
CA ARG A 353 -24.12 7.56 0.46
C ARG A 353 -23.08 7.22 -0.61
N TYR A 354 -21.95 7.99 -0.61
CA TYR A 354 -20.86 7.84 -1.58
C TYR A 354 -19.82 6.83 -1.16
N LEU A 355 -19.98 6.28 0.07
CA LEU A 355 -19.10 5.25 0.61
C LEU A 355 -19.58 3.86 0.20
N LYS A 356 -18.72 3.08 -0.44
CA LYS A 356 -19.05 1.71 -0.83
C LYS A 356 -17.98 0.78 -0.26
N LYS A 357 -18.38 -0.09 0.72
CA LYS A 357 -17.50 -1.06 1.43
C LYS A 357 -16.87 -2.08 0.48
N ILE A 358 -15.62 -2.44 0.78
CA ILE A 358 -14.80 -3.41 0.02
C ILE A 358 -14.59 -4.61 0.93
N ARG A 359 -14.02 -4.37 2.10
CA ARG A 359 -13.77 -5.40 3.12
C ARG A 359 -13.58 -4.77 4.50
N ASP A 360 -13.51 -5.60 5.54
CA ASP A 360 -13.24 -5.16 6.90
C ASP A 360 -11.72 -5.22 7.06
N LEU A 361 -11.17 -4.36 7.89
CA LEU A 361 -9.70 -4.30 8.04
C LEU A 361 -9.16 -4.72 9.38
N GLY A 362 -10.04 -4.80 10.37
CA GLY A 362 -9.67 -5.21 11.72
C GLY A 362 -10.49 -4.55 12.81
N GLU A 363 -10.40 -5.12 14.03
CA GLU A 363 -11.10 -4.64 15.21
C GLU A 363 -10.07 -3.97 16.12
N GLY A 364 -10.34 -2.71 16.47
CA GLY A 364 -9.49 -1.93 17.37
C GLY A 364 -10.19 -1.60 18.68
N HIS A 365 -9.55 -0.71 19.49
CA HIS A 365 -10.17 -0.20 20.71
C HIS A 365 -11.08 0.92 20.21
N PHE A 366 -12.41 0.75 20.47
CA PHE A 366 -13.56 1.57 20.04
C PHE A 366 -14.36 1.04 18.83
N GLY A 367 -13.75 0.19 18.00
CA GLY A 367 -14.51 -0.40 16.91
C GLY A 367 -13.77 -0.99 15.73
N LYS A 368 -14.55 -1.35 14.70
CA LYS A 368 -14.08 -1.96 13.46
C LYS A 368 -13.62 -0.93 12.46
N VAL A 369 -12.53 -1.24 11.74
CA VAL A 369 -11.99 -0.44 10.62
C VAL A 369 -12.37 -1.27 9.39
N SER A 370 -12.93 -0.63 8.37
CA SER A 370 -13.35 -1.31 7.14
C SER A 370 -12.89 -0.47 5.95
N LEU A 371 -12.48 -1.14 4.84
CA LEU A 371 -12.05 -0.49 3.60
C LEU A 371 -13.26 -0.08 2.85
N TYR A 372 -13.26 1.16 2.41
CA TYR A 372 -14.35 1.76 1.61
C TYR A 372 -13.82 2.42 0.37
N CYS A 373 -14.70 2.64 -0.57
CA CYS A 373 -14.40 3.41 -1.75
C CYS A 373 -15.27 4.65 -1.65
N TYR A 374 -14.68 5.84 -1.80
CA TYR A 374 -15.45 7.07 -1.68
C TYR A 374 -15.58 7.68 -3.05
N ASP A 375 -16.70 7.36 -3.72
CA ASP A 375 -17.04 7.77 -5.07
C ASP A 375 -18.16 8.81 -5.07
N PRO A 376 -17.82 10.11 -4.91
CA PRO A 376 -18.85 11.16 -4.89
C PRO A 376 -19.51 11.40 -6.24
N THR A 377 -18.80 11.12 -7.34
CA THR A 377 -19.26 11.35 -8.70
C THR A 377 -19.93 10.11 -9.30
N ASN A 378 -19.95 8.99 -8.55
CA ASN A 378 -20.54 7.69 -8.94
C ASN A 378 -19.99 7.07 -10.27
N ASP A 379 -19.07 7.78 -10.94
CA ASP A 379 -18.43 7.42 -12.20
C ASP A 379 -17.34 6.33 -12.07
N GLY A 380 -17.14 5.81 -10.84
CA GLY A 380 -16.16 4.77 -10.55
C GLY A 380 -14.75 5.30 -10.54
N THR A 381 -14.58 6.55 -10.08
CA THR A 381 -13.29 7.26 -10.02
C THR A 381 -12.98 7.77 -8.61
N GLY A 382 -13.58 7.14 -7.60
CA GLY A 382 -13.38 7.54 -6.22
C GLY A 382 -12.06 7.11 -5.62
N GLU A 383 -11.84 7.45 -4.35
CA GLU A 383 -10.63 7.12 -3.60
C GLU A 383 -10.86 6.13 -2.45
N MET A 384 -9.81 5.37 -2.11
CA MET A 384 -9.84 4.33 -1.11
C MET A 384 -9.50 4.83 0.25
N VAL A 385 -10.51 4.80 1.11
CA VAL A 385 -10.41 5.21 2.51
C VAL A 385 -10.72 4.07 3.46
N ALA A 386 -10.13 4.15 4.64
CA ALA A 386 -10.34 3.24 5.78
C ALA A 386 -11.35 3.94 6.70
N VAL A 387 -12.50 3.30 7.02
CA VAL A 387 -13.46 3.93 7.93
C VAL A 387 -13.63 3.12 9.20
N LYS A 388 -13.39 3.74 10.39
CA LYS A 388 -13.57 3.20 11.74
C LYS A 388 -14.93 3.66 12.32
N ALA A 389 -15.67 2.74 13.01
CA ALA A 389 -17.00 3.00 13.61
C ALA A 389 -17.08 2.69 15.11
N LEU A 390 -18.28 2.90 15.72
CA LEU A 390 -18.61 2.68 17.13
C LEU A 390 -17.75 3.47 18.11
N HIS A 398 -17.04 4.16 25.57
CA HIS A 398 -18.06 5.20 25.50
C HIS A 398 -17.89 6.18 24.31
N ARG A 399 -18.99 6.92 23.98
CA ARG A 399 -19.08 7.92 22.91
C ARG A 399 -18.05 9.07 23.08
N SER A 400 -17.87 9.56 24.31
CA SER A 400 -16.95 10.65 24.69
C SER A 400 -15.49 10.32 24.39
N GLY A 401 -15.12 9.09 24.68
CA GLY A 401 -13.76 8.59 24.46
C GLY A 401 -13.50 8.28 23.01
N TRP A 402 -14.58 8.07 22.22
CA TRP A 402 -14.54 7.80 20.79
C TRP A 402 -14.25 9.09 20.07
N LYS A 403 -14.94 10.17 20.49
CA LYS A 403 -14.78 11.54 19.99
C LYS A 403 -13.31 11.95 20.22
N GLN A 404 -12.79 11.65 21.42
CA GLN A 404 -11.43 11.94 21.84
C GLN A 404 -10.44 11.32 20.84
N GLU A 405 -10.71 10.07 20.39
CA GLU A 405 -9.88 9.40 19.38
C GLU A 405 -9.78 10.27 18.11
N ILE A 406 -10.92 10.82 17.65
CA ILE A 406 -11.03 11.68 16.46
C ILE A 406 -10.34 13.04 16.63
N ASP A 407 -10.53 13.69 17.79
CA ASP A 407 -9.91 14.98 18.15
C ASP A 407 -8.38 14.91 18.21
N ILE A 408 -7.82 13.87 18.87
CA ILE A 408 -6.37 13.66 18.91
C ILE A 408 -5.78 13.53 17.51
N LEU A 409 -6.28 12.56 16.71
CA LEU A 409 -5.83 12.22 15.36
C LEU A 409 -5.88 13.41 14.38
N ARG A 410 -6.91 14.28 14.52
CA ARG A 410 -7.10 15.52 13.74
C ARG A 410 -5.82 16.42 13.78
N THR A 411 -5.20 16.53 14.99
CA THR A 411 -4.05 17.38 15.34
C THR A 411 -2.64 16.74 15.16
N LEU A 412 -2.61 15.50 14.69
CA LEU A 412 -1.33 14.84 14.47
C LEU A 412 -1.04 14.72 12.98
N TYR A 413 0.12 15.29 12.60
CA TYR A 413 0.67 15.38 11.27
C TYR A 413 2.10 14.83 11.38
N HIS A 414 2.37 13.61 10.85
CA HIS A 414 3.66 12.94 10.92
C HIS A 414 3.74 11.79 9.94
N GLU A 415 4.93 11.59 9.34
CA GLU A 415 5.24 10.55 8.36
C GLU A 415 5.00 9.08 8.79
N HIS A 416 4.99 8.79 10.11
CA HIS A 416 4.83 7.43 10.67
C HIS A 416 3.55 7.23 11.51
N ILE A 417 2.69 8.23 11.54
CA ILE A 417 1.41 8.13 12.23
C ILE A 417 0.32 8.10 11.12
N ILE A 418 -0.74 7.28 11.33
CA ILE A 418 -1.88 7.19 10.43
C ILE A 418 -2.51 8.60 10.29
N LYS A 419 -2.84 8.99 9.01
CA LYS A 419 -3.36 10.29 8.63
C LYS A 419 -4.85 10.41 8.67
N TYR A 420 -5.33 11.44 9.38
CA TYR A 420 -6.74 11.78 9.49
C TYR A 420 -7.20 12.41 8.14
N LYS A 421 -8.38 12.00 7.69
CA LYS A 421 -8.91 12.52 6.45
C LYS A 421 -10.12 13.38 6.74
N GLY A 422 -11.06 12.83 7.50
CA GLY A 422 -12.29 13.53 7.84
C GLY A 422 -13.23 12.69 8.65
N CYS A 423 -14.53 13.06 8.57
CA CYS A 423 -15.62 12.43 9.30
C CYS A 423 -16.81 12.06 8.46
N CYS A 424 -17.56 11.10 8.96
CA CYS A 424 -18.83 10.65 8.39
C CYS A 424 -19.89 10.58 9.50
N GLU A 425 -21.08 11.12 9.23
CA GLU A 425 -22.21 11.11 10.16
C GLU A 425 -23.20 9.98 9.80
N ASP A 426 -23.37 9.01 10.75
CA ASP A 426 -24.24 7.82 10.70
C ASP A 426 -25.66 8.19 10.24
N GLN A 427 -26.49 8.71 11.17
CA GLN A 427 -27.88 9.14 10.92
C GLN A 427 -28.19 10.35 11.82
N GLY A 428 -29.48 10.68 11.96
CA GLY A 428 -29.96 11.78 12.78
C GLY A 428 -29.55 11.67 14.24
N GLU A 429 -28.31 12.14 14.54
CA GLU A 429 -27.59 12.13 15.83
C GLU A 429 -26.91 10.76 16.11
N LYS A 430 -27.43 9.69 15.46
CA LYS A 430 -27.01 8.29 15.56
C LYS A 430 -25.58 8.02 16.04
N SER A 431 -24.53 8.50 15.29
CA SER A 431 -23.09 8.40 15.61
C SER A 431 -22.13 9.05 14.59
N LEU A 432 -20.82 9.06 14.94
CA LEU A 432 -19.73 9.59 14.11
C LEU A 432 -18.75 8.49 13.68
N GLN A 433 -18.25 8.61 12.44
CA GLN A 433 -17.31 7.67 11.80
C GLN A 433 -16.01 8.37 11.42
N LEU A 434 -14.86 7.71 11.69
CA LEU A 434 -13.52 8.24 11.41
C LEU A 434 -12.95 7.77 10.07
N VAL A 435 -12.74 8.72 9.13
CA VAL A 435 -12.16 8.42 7.83
C VAL A 435 -10.63 8.62 7.86
N MET A 436 -9.88 7.56 7.50
CA MET A 436 -8.42 7.58 7.47
C MET A 436 -7.90 7.27 6.09
N GLU A 437 -6.58 7.13 6.01
CA GLU A 437 -5.90 6.76 4.78
C GLU A 437 -5.82 5.25 4.79
N TYR A 438 -5.99 4.62 3.62
CA TYR A 438 -5.84 3.18 3.53
C TYR A 438 -4.36 2.89 3.35
N VAL A 439 -3.85 2.03 4.23
CA VAL A 439 -2.45 1.66 4.32
C VAL A 439 -2.34 0.32 3.61
N PRO A 440 -1.81 0.29 2.37
CA PRO A 440 -1.77 -0.98 1.62
C PRO A 440 -1.40 -2.29 2.32
N LEU A 441 -0.19 -2.42 2.90
CA LEU A 441 0.25 -3.67 3.55
C LEU A 441 -0.30 -4.04 4.95
N GLY A 442 -1.00 -3.11 5.60
CA GLY A 442 -1.67 -3.34 6.89
C GLY A 442 -0.81 -3.62 8.11
N SER A 443 -1.41 -4.29 9.13
CA SER A 443 -0.66 -4.53 10.38
C SER A 443 0.47 -5.54 10.32
N LEU A 444 1.55 -5.21 11.03
CA LEU A 444 2.75 -6.00 11.15
C LEU A 444 2.41 -7.36 11.77
N ARG A 445 1.51 -7.38 12.76
CA ARG A 445 1.00 -8.57 13.44
C ARG A 445 0.49 -9.68 12.47
N ASP A 446 -0.06 -9.26 11.31
CA ASP A 446 -0.57 -10.13 10.23
C ASP A 446 0.45 -10.26 9.08
N TYR A 447 1.28 -9.21 8.87
CA TYR A 447 2.32 -9.16 7.82
C TYR A 447 3.60 -9.97 8.15
N LEU A 448 4.06 -9.95 9.42
CA LEU A 448 5.30 -10.63 9.80
C LEU A 448 5.36 -12.16 9.66
N PRO A 449 4.33 -12.97 10.04
CA PRO A 449 4.41 -14.42 9.76
C PRO A 449 4.00 -14.72 8.28
N ARG A 450 4.69 -14.02 7.36
CA ARG A 450 4.54 -14.02 5.91
C ARG A 450 5.85 -13.41 5.39
N HIS A 451 6.78 -14.29 4.98
CA HIS A 451 8.14 -14.02 4.51
C HIS A 451 8.97 -13.42 5.67
N SER A 452 9.70 -14.30 6.38
CA SER A 452 10.54 -14.03 7.57
C SER A 452 11.63 -12.97 7.31
N ILE A 453 11.20 -11.70 7.14
CA ILE A 453 12.04 -10.54 6.86
C ILE A 453 13.17 -10.30 7.89
N GLY A 454 14.37 -10.00 7.40
CA GLY A 454 15.57 -9.85 8.20
C GLY A 454 15.72 -8.62 9.07
N LEU A 455 16.84 -8.58 9.82
CA LEU A 455 17.25 -7.50 10.73
C LEU A 455 17.22 -6.10 10.14
N ALA A 456 17.61 -5.96 8.86
CA ALA A 456 17.60 -4.69 8.17
C ALA A 456 16.17 -4.12 8.15
N GLN A 457 15.15 -4.95 7.79
CA GLN A 457 13.74 -4.52 7.77
C GLN A 457 13.12 -4.33 9.17
N LEU A 458 13.22 -5.35 10.04
CA LEU A 458 12.70 -5.34 11.43
C LEU A 458 13.18 -4.12 12.24
N LEU A 459 14.47 -3.75 12.11
CA LEU A 459 15.02 -2.60 12.85
C LEU A 459 14.62 -1.26 12.27
N LEU A 460 14.37 -1.22 10.93
CA LEU A 460 13.95 -0.01 10.23
C LEU A 460 12.59 0.45 10.77
N PHE A 461 11.71 -0.52 11.01
CA PHE A 461 10.38 -0.33 11.54
C PHE A 461 10.51 0.26 12.93
N ALA A 462 11.29 -0.41 13.82
CA ALA A 462 11.57 -0.04 15.21
C ALA A 462 11.98 1.42 15.40
N GLN A 463 12.97 1.89 14.62
CA GLN A 463 13.47 3.28 14.69
C GLN A 463 12.42 4.29 14.28
N GLN A 464 11.51 3.88 13.36
CA GLN A 464 10.42 4.70 12.83
C GLN A 464 9.30 4.86 13.85
N ILE A 465 8.96 3.77 14.58
CA ILE A 465 7.97 3.73 15.64
C ILE A 465 8.41 4.72 16.73
N CYS A 466 9.72 4.84 16.95
CA CYS A 466 10.30 5.81 17.90
C CYS A 466 10.24 7.23 17.38
N GLU A 467 10.44 7.39 16.04
CA GLU A 467 10.38 8.67 15.31
C GLU A 467 8.96 9.24 15.38
N GLY A 468 7.99 8.34 15.34
CA GLY A 468 6.57 8.64 15.43
C GLY A 468 6.09 8.83 16.86
N MET A 469 6.65 8.04 17.82
CA MET A 469 6.29 8.11 19.25
C MET A 469 6.85 9.35 19.92
N ALA A 470 8.09 9.74 19.58
CA ALA A 470 8.77 10.93 20.10
C ALA A 470 8.02 12.21 19.71
N TYR A 471 7.39 12.20 18.51
CA TYR A 471 6.57 13.32 18.03
C TYR A 471 5.27 13.36 18.81
N LEU A 472 4.66 12.18 19.03
CA LEU A 472 3.42 12.09 19.78
C LEU A 472 3.63 12.69 21.18
N HIS A 473 4.72 12.28 21.85
CA HIS A 473 5.09 12.77 23.18
C HIS A 473 5.36 14.25 23.25
N SER A 474 5.89 14.83 22.15
CA SER A 474 6.19 16.27 22.04
C SER A 474 4.89 17.06 21.88
N GLN A 475 3.84 16.39 21.39
CA GLN A 475 2.52 16.97 21.23
C GLN A 475 1.70 16.89 22.53
N HIS A 476 2.34 16.37 23.63
CA HIS A 476 1.80 16.23 25.00
C HIS A 476 0.71 15.14 25.21
N TYR A 477 0.87 14.04 24.47
CA TYR A 477 -0.04 12.90 24.53
C TYR A 477 0.70 11.61 24.85
N ILE A 478 0.06 10.76 25.65
CA ILE A 478 0.53 9.42 25.95
C ILE A 478 -0.36 8.49 25.08
N HIS A 479 0.22 7.44 24.51
CA HIS A 479 -0.51 6.57 23.61
C HIS A 479 -1.30 5.51 24.34
N ARG A 480 -0.66 4.78 25.25
CA ARG A 480 -1.26 3.69 26.05
C ARG A 480 -1.73 2.47 25.21
N ASN A 481 -1.38 2.43 23.92
CA ASN A 481 -1.79 1.28 23.10
C ASN A 481 -0.73 0.89 22.03
N LEU A 482 0.56 1.09 22.35
CA LEU A 482 1.62 0.71 21.45
C LEU A 482 1.93 -0.79 21.48
N ALA A 483 1.53 -1.50 20.40
CA ALA A 483 1.69 -2.94 20.21
C ALA A 483 1.87 -3.14 18.72
N ALA A 484 2.21 -4.38 18.26
CA ALA A 484 2.44 -4.66 16.84
C ALA A 484 1.15 -4.79 16.02
N ARG A 485 0.03 -4.94 16.72
CA ARG A 485 -1.31 -5.06 16.13
C ARG A 485 -1.72 -3.68 15.61
N ASN A 486 -1.18 -2.62 16.23
CA ASN A 486 -1.47 -1.21 15.98
C ASN A 486 -0.38 -0.49 15.21
N VAL A 487 0.45 -1.26 14.49
CA VAL A 487 1.53 -0.75 13.65
C VAL A 487 1.33 -1.23 12.19
N LEU A 488 0.89 -0.31 11.31
CA LEU A 488 0.56 -0.53 9.89
C LEU A 488 1.77 -0.23 9.00
N LEU A 489 1.80 -0.80 7.78
CA LEU A 489 2.90 -0.54 6.83
C LEU A 489 2.44 -0.45 5.36
N ASP A 490 2.86 0.60 4.59
CA ASP A 490 2.43 0.68 3.17
C ASP A 490 3.40 -0.18 2.35
N ASN A 491 4.66 0.28 2.26
CA ASN A 491 5.78 -0.34 1.54
C ASN A 491 6.70 -1.12 2.53
N ASP A 492 7.90 -1.55 2.03
CA ASP A 492 8.92 -2.32 2.77
C ASP A 492 8.40 -3.71 3.15
N VAL A 495 5.79 1.02 9.99
CA VAL A 495 5.91 2.28 9.25
C VAL A 495 4.80 3.33 9.54
N LYS A 496 3.59 2.87 9.97
CA LYS A 496 2.42 3.70 10.30
C LYS A 496 1.76 3.27 11.65
N ILE A 497 1.62 4.21 12.62
CA ILE A 497 1.07 3.98 13.97
C ILE A 497 -0.40 4.41 14.11
N GLY A 498 -1.25 3.42 14.35
CA GLY A 498 -2.69 3.61 14.55
C GLY A 498 -3.22 3.32 15.94
N ASP A 499 -4.55 3.18 16.03
CA ASP A 499 -5.39 2.95 17.21
C ASP A 499 -5.12 3.96 18.34
N PHE A 500 -5.75 5.15 18.26
CA PHE A 500 -5.59 6.24 19.25
C PHE A 500 -6.71 6.30 20.32
N GLY A 501 -7.49 5.21 20.38
CA GLY A 501 -8.58 5.03 21.32
C GLY A 501 -8.21 5.24 22.78
N LEU A 502 -7.03 4.69 23.22
CA LEU A 502 -6.52 4.79 24.59
C LEU A 502 -5.62 5.99 24.86
N ALA A 503 -5.20 6.71 23.80
CA ALA A 503 -4.35 7.90 23.89
C ALA A 503 -5.03 8.99 24.70
N LYS A 504 -4.29 9.62 25.57
CA LYS A 504 -4.75 10.67 26.46
C LYS A 504 -3.82 11.86 26.37
N ALA A 505 -4.28 13.03 26.82
CA ALA A 505 -3.50 14.25 26.87
C ALA A 505 -3.00 14.44 28.29
N VAL A 506 -1.68 14.60 28.45
CA VAL A 506 -1.12 14.82 29.78
C VAL A 506 -1.05 16.33 30.00
N PRO A 507 -1.79 16.89 30.98
CA PRO A 507 -1.68 18.32 31.25
C PRO A 507 -0.26 18.66 31.66
N GLU A 508 0.30 19.72 31.03
CA GLU A 508 1.68 20.23 31.17
C GLU A 508 2.35 20.05 32.54
N GLY A 509 1.63 20.41 33.61
CA GLY A 509 2.13 20.32 34.98
C GLY A 509 2.35 18.92 35.55
N HIS A 510 1.33 18.04 35.36
CA HIS A 510 1.24 16.65 35.83
C HIS A 510 2.43 15.77 35.42
N GLU A 511 2.82 14.81 36.32
CA GLU A 511 3.91 13.85 36.07
C GLU A 511 3.41 12.64 35.24
N TYR A 512 2.33 11.99 35.71
CA TYR A 512 1.67 10.82 35.14
C TYR A 512 0.19 11.13 34.97
N TYR A 513 -0.53 10.25 34.24
CA TYR A 513 -1.98 10.30 34.08
C TYR A 513 -2.60 9.04 34.70
N ARG A 514 -3.58 9.20 35.61
CA ARG A 514 -4.37 8.11 36.22
C ARG A 514 -5.53 7.68 35.31
N VAL A 515 -5.60 6.37 35.01
CA VAL A 515 -6.69 5.74 34.24
C VAL A 515 -6.97 4.32 34.76
N ARG A 516 -8.18 4.14 35.35
CA ARG A 516 -8.70 2.88 35.94
C ARG A 516 -9.29 2.00 34.85
N GLU A 517 -9.62 2.63 33.70
CA GLU A 517 -10.08 2.07 32.44
C GLU A 517 -11.59 2.00 32.06
N ASP A 518 -12.29 0.90 32.40
CA ASP A 518 -13.68 0.58 31.97
C ASP A 518 -13.64 0.22 30.50
N GLY A 519 -12.72 -0.66 30.20
CA GLY A 519 -12.49 -1.21 28.88
C GLY A 519 -11.31 -2.14 29.00
N ASP A 520 -10.89 -2.73 27.87
CA ASP A 520 -9.75 -3.62 27.84
C ASP A 520 -8.53 -2.81 27.62
N SER A 521 -7.40 -3.38 27.94
CA SER A 521 -6.12 -2.70 27.81
C SER A 521 -5.07 -3.77 27.53
N PRO A 522 -4.06 -3.49 26.69
CA PRO A 522 -3.04 -4.52 26.42
C PRO A 522 -2.12 -4.69 27.62
N VAL A 523 -2.58 -5.39 28.66
CA VAL A 523 -1.83 -5.63 29.89
C VAL A 523 -0.40 -6.16 29.69
N PHE A 524 -0.23 -7.13 28.77
CA PHE A 524 1.06 -7.71 28.41
C PHE A 524 2.02 -6.75 27.72
N TRP A 525 1.59 -5.51 27.43
CA TRP A 525 2.38 -4.44 26.81
C TRP A 525 2.54 -3.29 27.78
N TYR A 526 1.88 -3.37 28.96
CA TYR A 526 1.92 -2.35 30.02
C TYR A 526 3.00 -2.58 31.06
N ALA A 527 3.56 -1.45 31.51
CA ALA A 527 4.60 -1.27 32.52
C ALA A 527 4.09 -1.66 33.93
N PRO A 528 4.96 -1.94 34.93
CA PRO A 528 4.46 -2.32 36.25
C PRO A 528 3.61 -1.26 36.97
N GLU A 529 3.93 0.06 36.79
CA GLU A 529 3.15 1.15 37.40
C GLU A 529 1.77 1.29 36.80
N CYS A 530 1.61 0.90 35.52
CA CYS A 530 0.35 0.96 34.81
C CYS A 530 -0.59 -0.10 35.34
N LEU A 531 -0.05 -1.31 35.57
CA LEU A 531 -0.82 -2.46 36.04
C LEU A 531 -1.12 -2.34 37.51
N LYS A 532 -0.13 -2.01 38.30
CA LYS A 532 -0.24 -1.92 39.74
C LYS A 532 -1.09 -0.75 40.22
N GLU A 533 -0.75 0.47 39.77
CA GLU A 533 -1.29 1.72 40.27
C GLU A 533 -2.08 2.59 39.34
N TYR A 534 -2.28 2.17 38.09
CA TYR A 534 -3.04 2.91 37.08
C TYR A 534 -2.37 4.22 36.59
N LYS A 535 -1.07 4.40 36.88
CA LYS A 535 -0.26 5.58 36.53
C LYS A 535 0.37 5.42 35.15
N PHE A 536 0.13 6.43 34.29
CA PHE A 536 0.69 6.51 32.93
C PHE A 536 1.60 7.73 32.76
N TYR A 537 2.92 7.47 32.69
CA TYR A 537 3.98 8.46 32.45
C TYR A 537 4.32 8.35 30.96
N TYR A 538 5.01 9.36 30.38
CA TYR A 538 5.46 9.24 28.98
C TYR A 538 6.27 7.95 28.83
N ALA A 539 7.04 7.63 29.91
CA ALA A 539 7.91 6.48 30.17
C ALA A 539 7.20 5.13 30.05
N SER A 540 5.86 5.11 30.21
CA SER A 540 5.05 3.89 30.13
C SER A 540 4.94 3.41 28.68
N ASP A 541 4.95 4.36 27.74
CA ASP A 541 4.88 4.04 26.31
C ASP A 541 6.19 3.40 25.83
N VAL A 542 7.31 3.75 26.51
CA VAL A 542 8.64 3.24 26.23
C VAL A 542 8.69 1.78 26.68
N TRP A 543 8.05 1.47 27.81
CA TRP A 543 7.93 0.08 28.22
C TRP A 543 7.18 -0.68 27.11
N SER A 544 5.97 -0.16 26.71
CA SER A 544 5.08 -0.67 25.65
C SER A 544 5.86 -0.94 24.36
N PHE A 545 6.81 -0.02 24.00
CA PHE A 545 7.68 -0.14 22.83
C PHE A 545 8.52 -1.44 22.84
N GLY A 546 9.36 -1.60 23.87
CA GLY A 546 10.21 -2.78 24.04
C GLY A 546 9.47 -4.10 23.80
N VAL A 547 8.16 -4.14 24.14
CA VAL A 547 7.27 -5.30 23.94
C VAL A 547 6.97 -5.51 22.45
N THR A 548 6.75 -4.41 21.68
CA THR A 548 6.51 -4.50 20.23
C THR A 548 7.79 -4.95 19.56
N LEU A 549 8.94 -4.38 20.01
CA LEU A 549 10.29 -4.72 19.59
C LEU A 549 10.52 -6.22 19.73
N TYR A 550 10.02 -6.85 20.81
CA TYR A 550 10.08 -8.30 21.00
C TYR A 550 9.33 -9.01 19.83
N GLU A 551 8.04 -8.63 19.59
CA GLU A 551 7.18 -9.19 18.54
C GLU A 551 7.83 -9.07 17.16
N LEU A 552 8.48 -7.90 16.86
CA LEU A 552 9.16 -7.64 15.58
C LEU A 552 10.11 -8.82 15.29
N LEU A 553 10.86 -9.20 16.32
CA LEU A 553 11.84 -10.27 16.28
C LEU A 553 11.31 -11.71 16.46
N THR A 554 10.08 -11.88 16.99
CA THR A 554 9.45 -13.22 17.03
C THR A 554 8.68 -13.49 15.69
N HIS A 555 8.56 -12.43 14.84
CA HIS A 555 7.83 -12.38 13.56
C HIS A 555 6.36 -12.65 13.86
N CYS A 556 5.93 -12.12 15.02
CA CYS A 556 4.60 -12.24 15.60
C CYS A 556 4.14 -13.68 15.76
N ASP A 557 5.09 -14.57 16.11
CA ASP A 557 4.86 -16.00 16.36
C ASP A 557 3.86 -16.13 17.52
N SER A 558 2.70 -16.75 17.23
CA SER A 558 1.57 -16.96 18.13
C SER A 558 1.96 -17.82 19.32
N SER A 559 2.88 -18.79 19.11
CA SER A 559 3.39 -19.66 20.17
C SER A 559 4.38 -18.88 21.07
N GLN A 560 5.24 -18.04 20.43
CA GLN A 560 6.25 -17.20 21.08
C GLN A 560 5.75 -15.73 21.12
N SER A 561 4.62 -15.49 21.84
CA SER A 561 4.01 -14.16 21.91
C SER A 561 3.90 -13.62 23.35
N PRO A 562 3.90 -12.25 23.58
CA PRO A 562 3.75 -11.74 24.97
C PRO A 562 2.64 -12.41 25.79
N PRO A 563 1.38 -12.59 25.30
CA PRO A 563 0.37 -13.27 26.16
C PRO A 563 0.67 -14.75 26.51
N THR A 564 1.13 -15.55 25.51
CA THR A 564 1.44 -16.98 25.66
C THR A 564 2.68 -17.25 26.53
N LYS A 565 3.81 -16.57 26.20
CA LYS A 565 5.09 -16.68 26.90
C LYS A 565 5.06 -16.20 28.34
N PHE A 566 4.38 -15.06 28.62
CA PHE A 566 4.27 -14.54 29.99
C PHE A 566 3.40 -15.49 30.82
N LEU A 567 2.48 -16.22 30.16
CA LEU A 567 1.59 -17.21 30.77
C LEU A 567 2.28 -18.57 31.02
N GLU A 568 3.41 -18.87 30.32
CA GLU A 568 4.21 -20.09 30.53
C GLU A 568 4.87 -19.95 31.89
N LEU A 569 5.29 -18.71 32.22
CA LEU A 569 5.93 -18.30 33.46
C LEU A 569 5.01 -18.44 34.70
N ILE A 570 3.69 -18.66 34.49
CA ILE A 570 2.72 -18.84 35.57
C ILE A 570 2.28 -20.32 35.78
N GLY A 571 2.00 -21.04 34.68
CA GLY A 571 1.59 -22.43 34.68
C GLY A 571 0.37 -22.70 33.81
N MET A 577 -6.09 -15.58 37.75
CA MET A 577 -4.63 -15.38 37.69
C MET A 577 -4.25 -13.89 37.62
N THR A 578 -4.70 -13.24 36.53
CA THR A 578 -4.58 -11.84 36.14
C THR A 578 -3.20 -11.17 36.27
N VAL A 579 -3.26 -9.84 36.13
CA VAL A 579 -2.21 -8.84 36.17
C VAL A 579 -1.38 -8.91 37.45
N LEU A 580 -1.97 -9.46 38.54
CA LEU A 580 -1.32 -9.58 39.84
C LEU A 580 -0.10 -10.49 39.76
N ARG A 581 -0.26 -11.69 39.15
CA ARG A 581 0.85 -12.63 38.94
C ARG A 581 1.89 -12.01 38.00
N LEU A 582 1.43 -11.25 36.98
CA LEU A 582 2.27 -10.47 36.04
C LEU A 582 3.07 -9.39 36.77
N THR A 583 2.44 -8.68 37.74
CA THR A 583 3.04 -7.58 38.47
C THR A 583 4.24 -8.08 39.28
N GLU A 584 4.05 -9.20 40.01
CA GLU A 584 5.10 -9.80 40.84
C GLU A 584 6.19 -10.39 40.01
N LEU A 585 5.82 -11.01 38.87
CA LEU A 585 6.71 -11.59 37.87
C LEU A 585 7.71 -10.54 37.44
N LEU A 586 7.21 -9.36 36.99
CA LEU A 586 8.05 -8.26 36.51
C LEU A 586 8.84 -7.63 37.65
N GLU A 587 8.24 -7.56 38.86
CA GLU A 587 8.88 -6.99 40.05
C GLU A 587 10.11 -7.80 40.51
N ARG A 588 10.11 -9.14 40.23
CA ARG A 588 11.21 -10.10 40.46
C ARG A 588 12.33 -9.86 39.41
N GLY A 589 11.95 -9.28 38.27
CA GLY A 589 12.87 -8.99 37.17
C GLY A 589 12.77 -9.92 35.99
N GLU A 590 11.82 -10.89 36.06
CA GLU A 590 11.52 -11.88 35.01
C GLU A 590 10.96 -11.20 33.75
N ARG A 591 11.62 -11.40 32.60
CA ARG A 591 11.27 -10.81 31.31
C ARG A 591 10.95 -11.87 30.26
N LEU A 592 10.33 -11.47 29.13
CA LEU A 592 10.06 -12.35 27.98
C LEU A 592 11.44 -12.87 27.49
N PRO A 593 11.58 -14.17 27.05
CA PRO A 593 12.90 -14.65 26.61
C PRO A 593 13.43 -13.95 25.37
N ARG A 594 14.65 -14.29 24.97
CA ARG A 594 15.25 -13.74 23.76
C ARG A 594 14.74 -14.56 22.58
N PRO A 595 14.07 -13.93 21.57
CA PRO A 595 13.63 -14.69 20.37
C PRO A 595 14.79 -15.42 19.66
N ASP A 596 14.53 -16.58 19.03
CA ASP A 596 15.61 -17.28 18.33
C ASP A 596 16.10 -16.43 17.15
N LYS A 597 17.44 -16.30 17.04
CA LYS A 597 18.13 -15.47 16.05
C LYS A 597 17.99 -13.94 16.28
N CYS A 598 17.68 -13.53 17.53
CA CYS A 598 17.60 -12.12 17.94
C CYS A 598 19.00 -11.71 18.38
N PRO A 599 19.68 -10.79 17.65
CA PRO A 599 21.03 -10.36 18.08
C PRO A 599 21.01 -9.84 19.50
N CYS A 600 21.88 -10.36 20.36
CA CYS A 600 21.95 -9.97 21.76
C CYS A 600 21.89 -8.46 22.00
N GLU A 601 22.46 -7.66 21.07
CA GLU A 601 22.48 -6.19 21.07
C GLU A 601 21.06 -5.61 21.07
N VAL A 602 20.14 -6.24 20.28
CA VAL A 602 18.72 -5.87 20.15
C VAL A 602 18.00 -6.20 21.44
N TYR A 603 18.24 -7.42 21.97
CA TYR A 603 17.64 -7.90 23.21
C TYR A 603 18.07 -7.05 24.44
N HIS A 604 19.24 -6.35 24.35
CA HIS A 604 19.73 -5.44 25.41
C HIS A 604 18.78 -4.22 25.49
N LEU A 605 18.37 -3.66 24.33
CA LEU A 605 17.46 -2.51 24.25
C LEU A 605 16.11 -2.78 24.86
N MET A 606 15.57 -3.98 24.59
CA MET A 606 14.29 -4.48 25.11
C MET A 606 14.30 -4.51 26.63
N LYS A 607 15.44 -4.91 27.21
CA LYS A 607 15.73 -5.00 28.65
C LYS A 607 15.82 -3.58 29.25
N ASN A 608 16.55 -2.66 28.57
CA ASN A 608 16.70 -1.24 28.87
C ASN A 608 15.32 -0.63 28.95
N CYS A 609 14.44 -1.01 27.98
CA CYS A 609 13.05 -0.57 27.86
C CYS A 609 12.15 -1.16 28.93
N TRP A 610 12.45 -2.39 29.40
CA TRP A 610 11.67 -3.08 30.42
C TRP A 610 12.19 -2.82 31.82
N GLU A 611 12.79 -1.65 32.04
CA GLU A 611 13.23 -1.27 33.36
C GLU A 611 12.00 -1.17 34.26
N THR A 612 12.05 -1.74 35.49
CA THR A 612 10.93 -1.68 36.45
C THR A 612 10.64 -0.20 36.80
N GLU A 613 11.66 0.52 37.22
CA GLU A 613 11.55 1.95 37.48
C GLU A 613 11.40 2.64 36.11
N ALA A 614 10.30 3.41 35.96
CA ALA A 614 9.93 4.16 34.75
C ALA A 614 10.97 5.25 34.39
N SER A 615 11.47 5.96 35.41
CA SER A 615 12.48 7.02 35.25
C SER A 615 13.87 6.49 34.79
N PHE A 616 14.06 5.14 34.81
CA PHE A 616 15.29 4.50 34.35
C PHE A 616 15.18 4.10 32.88
N ARG A 617 14.00 4.27 32.28
CA ARG A 617 13.79 3.91 30.89
C ARG A 617 14.32 4.99 29.93
N PRO A 618 14.91 4.59 28.76
CA PRO A 618 15.36 5.60 27.77
C PRO A 618 14.18 6.34 27.16
N THR A 619 14.36 7.61 26.71
CA THR A 619 13.26 8.36 26.09
C THR A 619 13.07 8.00 24.60
N PHE A 620 11.96 8.39 24.00
CA PHE A 620 11.76 8.09 22.59
C PHE A 620 12.74 8.87 21.72
N GLU A 621 13.12 10.10 22.14
CA GLU A 621 14.10 10.91 21.43
C GLU A 621 15.47 10.25 21.53
N ASN A 622 15.80 9.76 22.73
CA ASN A 622 17.05 9.08 23.03
C ASN A 622 17.20 7.77 22.25
N LEU A 623 16.08 7.06 21.95
CA LEU A 623 16.13 5.78 21.25
C LEU A 623 16.41 5.85 19.74
N ILE A 624 16.00 6.95 19.07
CA ILE A 624 16.21 7.18 17.63
C ILE A 624 17.71 7.15 17.24
N PRO A 625 18.62 7.95 17.87
CA PRO A 625 20.05 7.86 17.50
C PRO A 625 20.58 6.44 17.68
N ILE A 626 20.26 5.84 18.83
CA ILE A 626 20.61 4.48 19.27
C ILE A 626 20.17 3.46 18.19
N LEU A 627 18.93 3.58 17.72
CA LEU A 627 18.41 2.70 16.69
C LEU A 627 18.95 2.98 15.30
N LYS A 628 19.41 4.23 15.03
CA LYS A 628 20.00 4.63 13.74
C LYS A 628 21.37 3.98 13.63
N THR A 629 22.24 4.20 14.65
CA THR A 629 23.58 3.64 14.79
C THR A 629 23.53 2.11 14.57
N VAL A 630 22.61 1.41 15.24
CA VAL A 630 22.41 -0.05 15.15
C VAL A 630 21.89 -0.44 13.76
N HIS A 631 20.92 0.33 13.21
CA HIS A 631 20.38 0.06 11.86
C HIS A 631 21.49 0.23 10.79
N GLU A 632 22.56 1.00 11.13
CA GLU A 632 23.75 1.17 10.31
C GLU A 632 24.81 0.21 10.89
N LYS A 633 24.42 -1.08 11.04
CA LYS A 633 25.27 -2.15 11.58
C LYS A 633 24.95 -3.55 11.01
N TYR A 634 23.67 -3.95 10.95
CA TYR A 634 23.26 -5.25 10.44
C TYR A 634 22.99 -5.33 8.92
N GLN A 635 24.06 -5.18 8.12
CA GLN A 635 24.09 -5.25 6.65
C GLN A 635 25.17 -6.21 6.17
C7 2TT B . -8.45 -7.01 -20.75
C2 2TT B . -7.19 -7.49 -21.15
C4 2TT B . -8.30 -9.11 -22.46
C6 2TT B . -9.62 -7.62 -21.22
CL1 2TT B . -5.70 -6.78 -20.63
C3 2TT B . -7.13 -8.53 -22.02
C5 2TT B . -9.54 -8.67 -22.09
C8 2TT B . -8.66 -5.93 -19.79
O9 2TT B . -7.76 -5.15 -19.45
N10 2TT B . -9.90 -5.93 -19.28
C11 2TT B . -10.49 -5.09 -18.35
C12 2TT B . -10.10 -4.85 -17.02
C13 2TT B . -10.99 -4.11 -16.22
N14 2TT B . -12.18 -3.67 -16.70
C15 2TT B . -12.58 -3.94 -17.94
N16 2TT B . -13.78 -3.48 -18.47
C17 2TT B . -14.33 -3.73 -19.69
O18 2TT B . -13.79 -4.43 -20.54
C19 2TT B . -15.66 -3.09 -20.03
C20 2TT B . -15.81 -2.50 -21.42
C21 2TT B . -16.57 -3.76 -21.06
C22 2TT B . -11.76 -4.68 -18.75
C7 2TT C . -6.37 -0.69 12.64
C2 2TT C . -5.44 -0.43 13.66
C4 2TT C . -6.44 -2.16 15.01
C6 2TT C . -7.31 -1.72 12.80
CL1 2TT C . -4.19 0.76 13.44
C3 2TT C . -5.48 -1.16 14.85
C5 2TT C . -7.36 -2.43 14.00
C8 2TT C . -6.23 0.01 11.35
O9 2TT C . -6.15 1.22 11.33
N10 2TT C . -6.13 -0.75 10.24
C11 2TT C . -5.88 -0.33 8.92
C12 2TT C . -5.93 1.00 8.47
C13 2TT C . -5.56 1.29 7.17
N14 2TT C . -5.15 0.32 6.36
C15 2TT C . -5.08 -0.95 6.73
N16 2TT C . -4.66 -1.91 5.79
C17 2TT C . -4.97 -3.23 5.78
O18 2TT C . -5.66 -3.76 6.65
C19 2TT C . -4.40 -4.05 4.64
C20 2TT C . -4.56 -5.57 4.63
C21 2TT C . -5.38 -4.71 3.67
C22 2TT C . -5.43 -1.31 8.03
#